data_2NZO
#
_entry.id   2NZO
#
_cell.length_a   148.432
_cell.length_b   148.432
_cell.length_c   54.054
_cell.angle_alpha   90.000
_cell.angle_beta   90.000
_cell.angle_gamma   120.000
#
_symmetry.space_group_name_H-M   'P 32 2 1'
#
loop_
_entity.id
_entity.type
_entity.pdbx_description
1 polymer 'Protein csaA'
2 non-polymer GLYCEROL
3 water water
#
_entity_poly.entity_id   1
_entity_poly.type   'polypeptide(L)'
_entity_poly.pdbx_seq_one_letter_code
;GSHMAVIDDFEKLDIRTGTIVKAEEFPEARVPAIKLVIDFGTEIGIKQSSAQITKRYKPEGLINKQVIAVVNFPPRRIAG
FKSEVLVLGGIPGQGDVVLLQPDQPVPNGTKIG
;
_entity_poly.pdbx_strand_id   A,B,C,D
#
loop_
_chem_comp.id
_chem_comp.type
_chem_comp.name
_chem_comp.formula
GOL non-polymer GLYCEROL 'C3 H8 O3'
#
# COMPACT_ATOMS: atom_id res chain seq x y z
N HIS A 3 -1.88 19.81 25.07
CA HIS A 3 -0.40 19.99 25.26
C HIS A 3 0.53 19.71 24.02
N MET A 4 1.62 20.48 23.98
CA MET A 4 2.55 20.55 22.88
C MET A 4 3.81 19.74 23.17
N ALA A 5 4.44 19.30 22.10
CA ALA A 5 5.69 18.58 22.16
C ALA A 5 6.78 19.44 21.50
N VAL A 6 8.03 18.99 21.62
CA VAL A 6 9.12 19.59 20.83
C VAL A 6 9.79 18.50 20.04
N ILE A 7 10.48 18.88 18.97
CA ILE A 7 11.10 17.91 18.09
C ILE A 7 11.99 16.94 18.88
N ASP A 8 12.59 17.36 19.98
CA ASP A 8 13.47 16.40 20.59
C ASP A 8 12.82 15.36 21.50
N ASP A 9 11.54 15.57 21.85
CA ASP A 9 10.69 14.49 22.36
C ASP A 9 10.59 13.39 21.31
N PHE A 10 10.45 13.80 20.04
CA PHE A 10 10.43 12.87 18.90
C PHE A 10 11.78 12.19 18.63
N GLU A 11 12.87 12.97 18.70
CA GLU A 11 14.24 12.49 18.43
C GLU A 11 14.73 11.48 19.47
N LYS A 12 14.15 11.50 20.66
CA LYS A 12 14.43 10.46 21.67
C LYS A 12 14.00 9.06 21.25
N LEU A 13 13.00 8.96 20.36
CA LEU A 13 12.48 7.67 19.87
C LEU A 13 13.34 7.17 18.74
N ASP A 14 13.45 5.85 18.65
CA ASP A 14 14.13 5.22 17.54
C ASP A 14 13.08 4.40 16.82
N ILE A 15 12.57 4.94 15.71
CA ILE A 15 11.47 4.34 14.98
C ILE A 15 12.01 3.74 13.69
N ARG A 16 11.76 2.44 13.52
CA ARG A 16 12.46 1.68 12.46
C ARG A 16 11.45 0.87 11.68
N THR A 17 11.77 0.56 10.42
CA THR A 17 11.01 -0.44 9.68
C THR A 17 11.55 -1.85 9.98
N GLY A 18 10.67 -2.84 9.94
CA GLY A 18 11.12 -4.22 10.04
C GLY A 18 10.16 -5.15 9.34
N THR A 19 10.62 -6.38 9.05
CA THR A 19 9.77 -7.35 8.33
C THR A 19 9.34 -8.45 9.29
N ILE A 20 8.02 -8.67 9.34
CA ILE A 20 7.43 -9.76 10.13
C ILE A 20 7.86 -11.07 9.51
N VAL A 21 8.63 -11.83 10.27
CA VAL A 21 9.10 -13.13 9.84
C VAL A 21 8.31 -14.30 10.47
N LYS A 22 7.75 -14.09 11.66
CA LYS A 22 6.82 -15.06 12.24
C LYS A 22 5.64 -14.30 12.86
N ALA A 23 4.45 -14.89 12.77
CA ALA A 23 3.27 -14.34 13.47
C ALA A 23 2.46 -15.50 14.05
N GLU A 24 2.19 -15.46 15.37
CA GLU A 24 1.43 -16.54 16.01
C GLU A 24 0.38 -15.92 16.93
N GLU A 25 -0.79 -16.57 17.03
CA GLU A 25 -1.73 -16.22 18.07
C GLU A 25 -1.13 -16.46 19.45
N PHE A 26 -1.20 -15.44 20.29
CA PHE A 26 -0.60 -15.47 21.62
C PHE A 26 -1.46 -14.51 22.46
N PRO A 27 -2.65 -14.95 22.88
CA PRO A 27 -3.55 -14.00 23.51
C PRO A 27 -3.18 -13.67 24.95
N GLU A 28 -3.76 -12.59 25.48
CA GLU A 28 -3.89 -12.46 26.95
C GLU A 28 -5.11 -13.21 27.47
N ALA A 29 -5.29 -13.31 28.78
CA ALA A 29 -6.49 -13.90 29.34
C ALA A 29 -7.77 -13.24 28.77
N ARG A 30 -7.77 -11.91 28.74
CA ARG A 30 -8.98 -11.17 28.51
C ARG A 30 -9.08 -10.57 27.11
N VAL A 31 -8.03 -10.69 26.31
CA VAL A 31 -8.02 -10.06 25.00
C VAL A 31 -7.12 -10.88 24.04
N PRO A 32 -7.57 -11.08 22.81
CA PRO A 32 -6.67 -11.74 21.88
C PRO A 32 -5.49 -10.86 21.43
N ALA A 33 -4.42 -11.51 20.97
CA ALA A 33 -3.23 -10.80 20.56
C ALA A 33 -2.37 -11.75 19.76
N ILE A 34 -1.46 -11.15 19.01
CA ILE A 34 -0.56 -11.88 18.14
C ILE A 34 0.86 -11.61 18.61
N LYS A 35 1.69 -12.65 18.61
CA LYS A 35 3.15 -12.50 18.78
C LYS A 35 3.81 -12.35 17.41
N LEU A 36 4.44 -11.18 17.20
CA LEU A 36 5.19 -10.93 15.96
C LEU A 36 6.67 -11.14 16.20
N VAL A 37 7.33 -11.81 15.27
CA VAL A 37 8.81 -11.84 15.30
C VAL A 37 9.24 -11.05 14.08
N ILE A 38 10.04 -10.02 14.33
CA ILE A 38 10.29 -9.00 13.32
C ILE A 38 11.80 -8.83 13.11
N ASP A 39 12.24 -8.86 11.86
CA ASP A 39 13.61 -8.63 11.50
C ASP A 39 13.80 -7.12 11.22
N PHE A 40 14.53 -6.44 12.09
CA PHE A 40 14.87 -5.03 11.93
C PHE A 40 16.24 -4.80 11.25
N GLY A 41 16.76 -5.84 10.57
CA GLY A 41 18.01 -5.74 9.80
C GLY A 41 19.19 -6.14 10.69
N THR A 42 20.39 -6.07 10.13
CA THR A 42 21.57 -6.64 10.80
C THR A 42 22.02 -5.92 12.10
N GLU A 43 21.92 -4.61 12.18
CA GLU A 43 22.32 -3.85 13.37
C GLU A 43 21.36 -4.10 14.58
N ILE A 44 20.06 -3.93 14.37
CA ILE A 44 19.08 -4.17 15.44
C ILE A 44 18.79 -5.67 15.69
N GLY A 45 18.75 -6.44 14.61
CA GLY A 45 18.42 -7.84 14.69
C GLY A 45 16.94 -8.13 14.78
N ILE A 46 16.64 -9.31 15.31
CA ILE A 46 15.30 -9.84 15.41
C ILE A 46 14.70 -9.44 16.74
N LYS A 47 13.46 -8.91 16.71
CA LYS A 47 12.77 -8.54 17.95
C LYS A 47 11.39 -9.12 17.97
N GLN A 48 10.83 -9.31 19.16
CA GLN A 48 9.44 -9.78 19.31
C GLN A 48 8.52 -8.72 19.85
N SER A 49 7.25 -8.85 19.51
CA SER A 49 6.25 -7.90 19.95
C SER A 49 4.91 -8.59 20.21
N SER A 50 4.23 -8.18 21.29
CA SER A 50 2.83 -8.55 21.49
C SER A 50 1.94 -7.45 20.91
N ALA A 51 1.08 -7.81 19.94
CA ALA A 51 0.22 -6.81 19.26
C ALA A 51 -1.22 -7.23 19.26
N GLN A 52 -2.09 -6.36 19.78
CA GLN A 52 -3.52 -6.65 19.82
C GLN A 52 -4.15 -6.26 18.50
N ILE A 53 -3.77 -7.02 17.49
CA ILE A 53 -4.12 -6.76 16.10
C ILE A 53 -5.00 -7.84 15.47
N THR A 54 -5.73 -8.58 16.28
CA THR A 54 -6.48 -9.72 15.74
C THR A 54 -7.78 -9.30 15.09
N LYS A 55 -8.23 -8.06 15.31
CA LYS A 55 -9.53 -7.64 14.75
C LYS A 55 -9.53 -7.69 13.21
N ARG A 56 -8.46 -7.18 12.57
CA ARG A 56 -8.42 -7.15 11.10
C ARG A 56 -7.43 -8.13 10.47
N TYR A 57 -6.58 -8.74 11.28
CA TYR A 57 -5.43 -9.51 10.80
C TYR A 57 -5.34 -10.95 11.30
N LYS A 58 -4.87 -11.83 10.40
CA LYS A 58 -4.54 -13.26 10.65
C LYS A 58 -3.04 -13.38 10.45
N PRO A 59 -2.38 -14.32 11.17
CA PRO A 59 -0.96 -14.62 10.93
C PRO A 59 -0.57 -14.80 9.44
N GLU A 60 -1.39 -15.50 8.67
CA GLU A 60 -1.09 -15.73 7.24
C GLU A 60 -1.06 -14.47 6.37
N GLY A 61 -1.76 -13.43 6.83
CA GLY A 61 -1.80 -12.12 6.15
C GLY A 61 -0.78 -11.14 6.68
N LEU A 62 0.11 -11.61 7.58
CA LEU A 62 1.09 -10.76 8.23
C LEU A 62 2.55 -11.08 7.84
N ILE A 63 2.85 -12.33 7.50
CA ILE A 63 4.21 -12.70 7.16
C ILE A 63 4.67 -11.91 5.92
N ASN A 64 5.92 -11.43 5.99
CA ASN A 64 6.57 -10.64 4.93
C ASN A 64 6.15 -9.16 4.90
N LYS A 65 5.25 -8.73 5.80
CA LYS A 65 4.81 -7.35 5.82
C LYS A 65 5.89 -6.52 6.49
N GLN A 66 6.12 -5.32 5.96
CA GLN A 66 7.01 -4.34 6.58
C GLN A 66 6.18 -3.51 7.53
N VAL A 67 6.68 -3.40 8.76
CA VAL A 67 5.93 -2.69 9.82
C VAL A 67 6.84 -1.57 10.34
N ILE A 68 6.26 -0.70 11.17
CA ILE A 68 6.94 0.44 11.76
C ILE A 68 6.93 0.24 13.26
N ALA A 69 8.08 0.38 13.92
CA ALA A 69 8.09 0.13 15.36
C ALA A 69 9.04 1.01 16.13
N VAL A 70 8.67 1.32 17.37
CA VAL A 70 9.63 1.95 18.27
C VAL A 70 10.50 0.83 18.84
N VAL A 71 11.82 0.90 18.60
CA VAL A 71 12.77 -0.14 19.01
C VAL A 71 13.59 0.13 20.28
N ASN A 72 13.55 1.35 20.80
CA ASN A 72 14.40 1.67 21.96
C ASN A 72 13.65 1.89 23.29
N PHE A 73 12.48 1.29 23.47
CA PHE A 73 11.80 1.24 24.78
C PHE A 73 12.33 0.09 25.67
N PRO A 74 12.09 0.17 26.99
CA PRO A 74 12.30 -1.03 27.81
C PRO A 74 11.34 -2.13 27.38
N PRO A 75 11.76 -3.42 27.48
CA PRO A 75 10.80 -4.47 27.19
C PRO A 75 9.71 -4.51 28.27
N ARG A 76 8.59 -5.18 27.97
CA ARG A 76 7.56 -5.45 28.95
C ARG A 76 7.13 -6.90 28.82
N ARG A 77 6.69 -7.49 29.94
CA ARG A 77 6.15 -8.84 29.91
C ARG A 77 4.65 -8.81 29.64
N ILE A 78 4.22 -9.63 28.69
CA ILE A 78 2.83 -9.65 28.28
C ILE A 78 2.56 -10.88 27.40
N ALA A 79 1.38 -11.48 27.58
CA ALA A 79 0.96 -12.71 26.91
C ALA A 79 1.98 -13.87 27.03
N GLY A 80 2.70 -13.90 28.16
CA GLY A 80 3.68 -14.93 28.51
C GLY A 80 5.08 -14.78 27.93
N PHE A 81 5.41 -13.61 27.37
CA PHE A 81 6.76 -13.38 26.84
C PHE A 81 7.19 -11.91 27.00
N LYS A 82 8.45 -11.68 26.66
CA LYS A 82 9.03 -10.37 26.68
C LYS A 82 8.77 -9.65 25.35
N SER A 83 7.92 -8.61 25.39
CA SER A 83 7.60 -7.81 24.18
C SER A 83 8.66 -6.67 24.13
N GLU A 84 9.38 -6.57 23.03
CA GLU A 84 10.57 -5.70 22.95
C GLU A 84 10.40 -4.43 22.10
N VAL A 85 9.31 -4.38 21.34
CA VAL A 85 9.15 -3.36 20.29
C VAL A 85 7.66 -2.97 20.28
N LEU A 86 7.37 -1.67 20.08
CA LEU A 86 5.99 -1.22 19.94
C LEU A 86 5.68 -1.03 18.48
N VAL A 87 4.82 -1.89 17.93
CA VAL A 87 4.46 -1.82 16.52
C VAL A 87 3.34 -0.80 16.37
N LEU A 88 3.51 0.17 15.47
CA LEU A 88 2.60 1.35 15.42
C LEU A 88 1.47 1.14 14.46
N GLY A 89 0.28 1.56 14.89
CA GLY A 89 -0.84 1.53 14.00
C GLY A 89 -1.79 2.65 14.31
N GLY A 90 -2.61 2.99 13.32
CA GLY A 90 -3.81 3.80 13.60
C GLY A 90 -4.85 3.09 14.46
N ILE A 91 -5.52 3.85 15.35
CA ILE A 91 -6.51 3.26 16.25
C ILE A 91 -7.89 3.82 15.96
N PRO A 92 -8.66 3.16 15.06
CA PRO A 92 -9.94 3.74 14.67
C PRO A 92 -11.09 3.51 15.65
N GLY A 93 -10.92 2.63 16.65
CA GLY A 93 -11.97 2.31 17.58
C GLY A 93 -11.48 1.33 18.63
N GLN A 94 -12.33 1.03 19.61
CA GLN A 94 -12.00 0.03 20.67
C GLN A 94 -11.56 -1.28 20.07
N GLY A 95 -10.39 -1.76 20.50
CA GLY A 95 -9.84 -3.05 20.03
C GLY A 95 -9.45 -3.10 18.57
N ASP A 96 -9.45 -1.96 17.88
CA ASP A 96 -9.22 -1.94 16.44
C ASP A 96 -7.85 -1.35 16.14
N VAL A 97 -7.09 -1.94 15.21
CA VAL A 97 -5.75 -1.44 14.84
C VAL A 97 -5.63 -1.60 13.33
N VAL A 98 -5.19 -0.51 12.67
CA VAL A 98 -4.70 -0.53 11.27
C VAL A 98 -3.19 -0.25 11.30
N LEU A 99 -2.39 -1.26 10.93
CA LEU A 99 -0.93 -1.12 10.93
C LEU A 99 -0.44 -0.04 9.99
N LEU A 100 0.60 0.67 10.42
CA LEU A 100 1.34 1.57 9.55
C LEU A 100 2.29 0.74 8.69
N GLN A 101 2.59 1.26 7.50
CA GLN A 101 3.57 0.62 6.63
C GLN A 101 4.25 1.72 5.78
N PRO A 102 5.47 1.45 5.22
CA PRO A 102 6.01 2.36 4.19
C PRO A 102 5.14 2.17 2.94
N ASP A 103 4.90 3.23 2.18
CA ASP A 103 4.07 3.06 1.00
C ASP A 103 4.78 2.33 -0.16
N GLN A 104 6.03 1.98 0.06
CA GLN A 104 6.85 1.19 -0.88
C GLN A 104 7.99 0.50 -0.12
N PRO A 105 8.49 -0.66 -0.62
CA PRO A 105 9.52 -1.40 0.13
C PRO A 105 10.78 -0.61 0.48
N VAL A 106 11.23 -0.70 1.74
CA VAL A 106 12.52 -0.09 2.17
C VAL A 106 13.35 -1.15 2.90
N PRO A 107 14.69 -1.02 2.91
CA PRO A 107 15.41 -2.03 3.73
C PRO A 107 14.99 -2.07 5.23
N ASN A 108 15.01 -3.26 5.83
CA ASN A 108 14.82 -3.43 7.29
C ASN A 108 15.82 -2.59 8.06
N GLY A 109 15.35 -1.83 9.04
CA GLY A 109 16.18 -0.99 9.88
C GLY A 109 16.21 0.44 9.34
N THR A 110 15.39 0.73 8.32
CA THR A 110 15.24 2.10 7.85
C THR A 110 14.66 2.95 8.95
N LYS A 111 15.25 4.12 9.15
CA LYS A 111 14.91 4.96 10.23
C LYS A 111 13.79 5.88 9.76
N ILE A 112 12.84 6.17 10.66
CA ILE A 112 11.69 7.05 10.42
C ILE A 112 12.03 8.47 10.93
N GLY A 113 11.70 9.47 10.12
CA GLY A 113 11.83 10.87 10.53
C GLY A 113 10.88 11.76 9.76
N HIS B 3 19.96 7.09 24.76
CA HIS B 3 19.56 6.11 23.69
C HIS B 3 18.27 5.31 23.99
N MET B 4 18.00 4.92 25.24
CA MET B 4 16.66 4.37 25.59
C MET B 4 15.56 5.44 25.89
N ALA B 5 14.42 5.29 25.26
CA ALA B 5 13.24 6.10 25.52
C ALA B 5 12.28 5.33 26.44
N VAL B 6 11.33 6.05 27.03
CA VAL B 6 10.20 5.42 27.78
C VAL B 6 8.88 5.76 27.08
N ILE B 7 7.84 5.00 27.39
CA ILE B 7 6.55 5.23 26.77
C ILE B 7 6.06 6.69 26.96
N ASP B 8 6.44 7.30 28.08
CA ASP B 8 6.10 8.71 28.40
C ASP B 8 6.58 9.69 27.34
N ASP B 9 7.74 9.41 26.76
CA ASP B 9 8.30 10.20 25.66
C ASP B 9 7.41 10.17 24.46
N PHE B 10 6.97 8.95 24.13
CA PHE B 10 6.04 8.74 22.99
C PHE B 10 4.67 9.37 23.23
N GLU B 11 4.15 9.27 24.46
CA GLU B 11 2.83 9.84 24.79
C GLU B 11 2.76 11.38 24.71
N LYS B 12 3.90 12.06 24.73
CA LYS B 12 3.96 13.52 24.54
C LYS B 12 3.58 13.94 23.13
N LEU B 13 3.69 13.04 22.17
CA LEU B 13 3.46 13.34 20.76
C LEU B 13 2.02 13.08 20.38
N ASP B 14 1.44 13.96 19.55
CA ASP B 14 0.15 13.70 19.00
C ASP B 14 0.35 13.31 17.52
N ILE B 15 0.26 12.03 17.26
CA ILE B 15 0.51 11.49 15.94
C ILE B 15 -0.81 11.05 15.34
N ARG B 16 -1.08 11.55 14.13
CA ARG B 16 -2.41 11.50 13.52
C ARG B 16 -2.35 11.13 12.05
N THR B 17 -3.40 10.51 11.54
CA THR B 17 -3.60 10.36 10.07
C THR B 17 -4.34 11.59 9.51
N GLY B 18 -3.97 11.95 8.28
CA GLY B 18 -4.64 12.99 7.52
C GLY B 18 -4.55 12.68 6.05
N THR B 19 -5.32 13.41 5.26
CA THR B 19 -5.40 13.19 3.82
C THR B 19 -4.82 14.40 3.09
N ILE B 20 -3.89 14.17 2.17
CA ILE B 20 -3.40 15.25 1.31
C ILE B 20 -4.50 15.72 0.37
N VAL B 21 -4.87 17.01 0.53
CA VAL B 21 -5.92 17.64 -0.27
C VAL B 21 -5.33 18.67 -1.24
N LYS B 22 -4.06 19.06 -1.07
CA LYS B 22 -3.35 19.95 -1.98
C LYS B 22 -1.86 19.67 -1.93
N ALA B 23 -1.17 19.77 -3.07
CA ALA B 23 0.27 19.56 -3.10
C ALA B 23 0.81 20.38 -4.26
N GLU B 24 1.89 21.12 -4.01
CA GLU B 24 2.49 22.00 -5.01
C GLU B 24 3.97 21.97 -4.86
N GLU B 25 4.68 22.10 -5.97
CA GLU B 25 6.10 22.27 -5.92
C GLU B 25 6.40 23.56 -5.11
N PHE B 26 7.50 23.55 -4.41
CA PHE B 26 7.91 24.64 -3.51
C PHE B 26 9.32 25.07 -3.99
N PRO B 27 9.37 25.86 -5.06
CA PRO B 27 10.69 26.09 -5.64
C PRO B 27 11.56 27.06 -4.81
N GLU B 28 10.95 27.77 -3.85
CA GLU B 28 11.68 28.72 -3.01
C GLU B 28 12.44 28.08 -1.86
N ALA B 29 12.19 26.81 -1.56
CA ALA B 29 12.90 26.12 -0.49
C ALA B 29 14.37 25.87 -0.91
N ARG B 30 15.32 25.88 0.03
CA ARG B 30 16.71 25.63 -0.33
C ARG B 30 16.88 24.20 -0.82
N VAL B 31 16.33 23.28 -0.05
CA VAL B 31 16.30 21.85 -0.38
C VAL B 31 14.96 21.56 -1.03
N PRO B 32 15.00 20.88 -2.21
CA PRO B 32 13.74 20.60 -2.91
C PRO B 32 12.60 20.05 -1.98
N ALA B 33 11.39 20.57 -2.16
CA ALA B 33 10.27 20.25 -1.28
C ALA B 33 8.94 20.45 -2.00
N ILE B 34 7.89 19.93 -1.39
CA ILE B 34 6.54 20.05 -1.90
C ILE B 34 5.74 20.65 -0.74
N LYS B 35 4.94 21.66 -1.05
CA LYS B 35 4.00 22.25 -0.10
C LYS B 35 2.79 21.37 -0.01
N LEU B 36 2.45 20.86 1.18
CA LEU B 36 1.25 20.01 1.34
C LEU B 36 0.21 20.73 2.15
N VAL B 37 -1.05 20.49 1.83
CA VAL B 37 -2.17 20.85 2.73
C VAL B 37 -2.87 19.52 3.04
N ILE B 38 -3.09 19.25 4.32
CA ILE B 38 -3.50 17.93 4.81
C ILE B 38 -4.69 18.13 5.75
N ASP B 39 -5.74 17.34 5.53
CA ASP B 39 -6.93 17.39 6.38
C ASP B 39 -6.77 16.36 7.49
N PHE B 40 -6.60 16.85 8.72
CA PHE B 40 -6.52 15.97 9.88
C PHE B 40 -7.87 15.79 10.64
N GLY B 41 -9.00 16.08 9.99
CA GLY B 41 -10.30 16.03 10.68
C GLY B 41 -10.51 17.29 11.50
N THR B 42 -11.72 17.47 12.05
CA THR B 42 -12.14 18.77 12.62
C THR B 42 -11.65 19.06 14.02
N GLU B 43 -11.14 18.05 14.71
CA GLU B 43 -10.52 18.26 16.00
C GLU B 43 -9.11 18.86 15.84
N ILE B 44 -8.37 18.44 14.81
CA ILE B 44 -7.00 18.95 14.56
C ILE B 44 -7.01 20.13 13.58
N GLY B 45 -7.80 20.00 12.52
CA GLY B 45 -7.84 21.06 11.50
C GLY B 45 -7.11 20.66 10.22
N ILE B 46 -6.91 21.65 9.37
CA ILE B 46 -6.28 21.47 8.07
C ILE B 46 -4.92 22.10 8.22
N LYS B 47 -3.87 21.37 7.87
CA LYS B 47 -2.56 21.77 8.25
C LYS B 47 -1.61 21.82 7.05
N GLN B 48 -0.66 22.77 7.09
CA GLN B 48 0.34 22.90 6.01
C GLN B 48 1.57 22.13 6.42
N SER B 49 2.29 21.55 5.45
CA SER B 49 3.60 20.99 5.72
C SER B 49 4.54 21.20 4.51
N SER B 50 5.80 21.48 4.77
CA SER B 50 6.83 21.50 3.73
C SER B 50 7.56 20.18 3.77
N ALA B 51 7.44 19.38 2.72
CA ALA B 51 7.94 18.01 2.78
C ALA B 51 9.00 17.75 1.73
N GLN B 52 10.21 17.39 2.18
CA GLN B 52 11.32 17.07 1.28
C GLN B 52 11.18 15.68 0.63
N ILE B 53 10.16 15.58 -0.23
CA ILE B 53 9.72 14.30 -0.78
C ILE B 53 9.77 14.30 -2.34
N THR B 54 10.61 15.16 -2.94
CA THR B 54 10.64 15.27 -4.41
C THR B 54 11.38 14.11 -5.07
N LYS B 55 12.11 13.32 -4.28
CA LYS B 55 12.85 12.21 -4.90
C LYS B 55 11.91 11.15 -5.53
N ARG B 56 10.82 10.81 -4.82
CA ARG B 56 9.94 9.71 -5.26
C ARG B 56 8.54 10.15 -5.62
N TYR B 57 8.18 11.41 -5.33
CA TYR B 57 6.80 11.89 -5.47
C TYR B 57 6.67 13.14 -6.33
N LYS B 58 5.49 13.28 -6.96
CA LYS B 58 5.14 14.46 -7.72
C LYS B 58 3.81 14.92 -7.13
N PRO B 59 3.52 16.23 -7.17
CA PRO B 59 2.23 16.73 -6.69
C PRO B 59 1.02 15.98 -7.24
N GLU B 60 1.01 15.68 -8.54
CA GLU B 60 -0.16 15.02 -9.16
C GLU B 60 -0.36 13.61 -8.63
N GLY B 61 0.64 13.07 -7.98
CA GLY B 61 0.45 11.76 -7.39
C GLY B 61 0.13 11.74 -5.91
N LEU B 62 0.02 12.91 -5.28
CA LEU B 62 -0.08 12.95 -3.82
C LEU B 62 -1.48 13.16 -3.33
N ILE B 63 -2.38 13.63 -4.18
CA ILE B 63 -3.72 14.02 -3.71
C ILE B 63 -4.48 12.76 -3.28
N ASN B 64 -5.18 12.87 -2.14
CA ASN B 64 -6.00 11.77 -1.55
C ASN B 64 -5.26 10.68 -0.85
N LYS B 65 -3.94 10.83 -0.71
CA LYS B 65 -3.12 9.89 0.08
C LYS B 65 -3.32 10.18 1.55
N GLN B 66 -3.52 9.12 2.33
CA GLN B 66 -3.39 9.17 3.76
C GLN B 66 -1.96 9.12 4.26
N VAL B 67 -1.61 10.13 5.08
CA VAL B 67 -0.23 10.26 5.58
C VAL B 67 -0.28 10.30 7.09
N ILE B 68 0.90 10.25 7.70
CA ILE B 68 1.09 10.18 9.17
C ILE B 68 1.95 11.41 9.62
N ALA B 69 1.49 12.17 10.61
CA ALA B 69 2.24 13.35 11.00
C ALA B 69 2.14 13.59 12.51
N VAL B 70 3.19 14.23 13.04
CA VAL B 70 3.14 14.77 14.37
C VAL B 70 2.49 16.15 14.28
N VAL B 71 1.39 16.32 15.01
CA VAL B 71 0.59 17.52 14.81
C VAL B 71 0.68 18.52 15.96
N ASN B 72 1.50 18.24 16.98
CA ASN B 72 1.57 19.13 18.17
C ASN B 72 2.97 19.74 18.43
N PHE B 73 3.68 20.01 17.35
CA PHE B 73 4.94 20.72 17.36
C PHE B 73 4.71 22.21 17.11
N PRO B 74 5.65 23.06 17.54
CA PRO B 74 5.68 24.44 17.08
C PRO B 74 5.87 24.49 15.55
N PRO B 75 5.38 25.55 14.90
CA PRO B 75 5.56 25.65 13.46
C PRO B 75 7.00 26.01 13.06
N ARG B 76 7.33 25.76 11.79
CA ARG B 76 8.60 26.17 11.21
C ARG B 76 8.27 26.97 9.93
N ARG B 77 8.77 28.19 9.83
CA ARG B 77 8.59 28.99 8.62
C ARG B 77 9.77 28.84 7.64
N ILE B 78 9.46 28.61 6.37
CA ILE B 78 10.50 28.49 5.35
C ILE B 78 10.05 29.42 4.22
N ALA B 79 10.85 30.45 3.93
CA ALA B 79 10.50 31.35 2.82
C ALA B 79 9.12 31.97 3.01
N GLY B 80 8.64 32.11 4.26
CA GLY B 80 7.33 32.66 4.47
C GLY B 80 6.19 31.66 4.65
N PHE B 81 6.32 30.47 4.06
CA PHE B 81 5.38 29.36 4.21
C PHE B 81 5.42 28.75 5.62
N LYS B 82 4.26 28.68 6.27
CA LYS B 82 4.20 28.16 7.65
C LYS B 82 3.98 26.64 7.64
N SER B 83 5.03 25.88 7.94
CA SER B 83 4.93 24.40 8.02
C SER B 83 4.48 23.99 9.43
N GLU B 84 3.30 23.38 9.54
CA GLU B 84 2.66 23.24 10.82
C GLU B 84 2.75 21.82 11.40
N VAL B 85 3.09 20.86 10.54
CA VAL B 85 3.13 19.43 10.97
C VAL B 85 4.31 18.69 10.34
N LEU B 86 4.79 17.63 11.03
CA LEU B 86 5.91 16.86 10.53
C LEU B 86 5.35 15.58 9.96
N VAL B 87 5.39 15.46 8.63
CA VAL B 87 4.90 14.29 7.93
C VAL B 87 5.99 13.20 7.99
N LEU B 88 5.65 12.02 8.51
CA LEU B 88 6.67 10.97 8.79
C LEU B 88 6.90 10.07 7.59
N GLY B 89 8.14 9.60 7.46
CA GLY B 89 8.52 8.76 6.37
C GLY B 89 9.73 7.94 6.78
N GLY B 90 9.93 6.85 6.07
CA GLY B 90 11.21 6.13 6.15
C GLY B 90 12.29 6.88 5.36
N ILE B 91 13.54 6.82 5.83
CA ILE B 91 14.63 7.59 5.24
C ILE B 91 15.70 6.58 4.78
N PRO B 92 15.54 6.05 3.55
CA PRO B 92 16.46 5.04 3.04
C PRO B 92 17.84 5.57 2.66
N GLY B 93 18.02 6.89 2.59
CA GLY B 93 19.32 7.44 2.20
C GLY B 93 19.21 8.94 2.19
N GLN B 94 20.32 9.63 1.91
CA GLN B 94 20.35 11.11 1.90
C GLN B 94 19.33 11.70 0.91
N GLY B 95 18.49 12.60 1.38
CA GLY B 95 17.48 13.24 0.53
C GLY B 95 16.32 12.37 0.06
N ASP B 96 16.22 11.14 0.58
CA ASP B 96 15.26 10.20 0.14
C ASP B 96 14.18 10.01 1.24
N VAL B 97 12.93 9.92 0.83
CA VAL B 97 11.84 9.67 1.74
C VAL B 97 10.85 8.72 1.11
N VAL B 98 10.44 7.74 1.91
CA VAL B 98 9.30 6.89 1.61
C VAL B 98 8.22 7.19 2.68
N LEU B 99 7.10 7.76 2.24
CA LEU B 99 6.01 8.11 3.14
C LEU B 99 5.42 6.90 3.87
N LEU B 100 5.03 7.11 5.14
CA LEU B 100 4.29 6.12 5.90
C LEU B 100 2.82 6.32 5.57
N GLN B 101 2.03 5.25 5.70
CA GLN B 101 0.57 5.34 5.44
C GLN B 101 -0.12 4.30 6.31
N PRO B 102 -1.42 4.51 6.65
CA PRO B 102 -2.12 3.35 7.27
C PRO B 102 -2.23 2.30 6.16
N ASP B 103 -2.17 1.00 6.47
CA ASP B 103 -2.28 -0.01 5.40
C ASP B 103 -3.70 -0.21 4.82
N GLN B 104 -4.69 0.45 5.40
CA GLN B 104 -6.02 0.56 4.84
C GLN B 104 -6.61 1.90 5.30
N PRO B 105 -7.69 2.38 4.62
CA PRO B 105 -8.21 3.71 4.93
C PRO B 105 -8.71 3.83 6.36
N VAL B 106 -8.43 4.97 6.98
CA VAL B 106 -9.00 5.30 8.30
C VAL B 106 -9.53 6.78 8.29
N PRO B 107 -10.45 7.11 9.19
CA PRO B 107 -10.86 8.54 9.23
C PRO B 107 -9.70 9.48 9.51
N ASN B 108 -9.75 10.68 8.91
CA ASN B 108 -8.77 11.77 9.17
C ASN B 108 -8.81 12.07 10.64
N GLY B 109 -7.63 12.20 11.24
CA GLY B 109 -7.53 12.45 12.68
C GLY B 109 -7.47 11.21 13.56
N THR B 110 -7.38 10.04 12.93
CA THR B 110 -7.19 8.78 13.64
C THR B 110 -5.84 8.88 14.32
N LYS B 111 -5.85 8.60 15.61
CA LYS B 111 -4.62 8.61 16.40
C LYS B 111 -3.73 7.35 16.19
N ILE B 112 -2.39 7.52 16.31
CA ILE B 112 -1.44 6.46 16.20
C ILE B 112 -0.96 6.06 17.60
N GLY B 113 -0.87 4.75 17.82
CA GLY B 113 -0.21 4.21 18.99
C GLY B 113 0.14 2.78 18.76
N MET C 4 0.37 -18.21 -25.70
CA MET C 4 0.44 -16.83 -26.25
C MET C 4 -0.93 -16.18 -26.53
N ALA C 5 -1.00 -14.85 -26.37
CA ALA C 5 -2.26 -14.10 -26.50
C ALA C 5 -2.13 -12.84 -27.37
N VAL C 6 -3.27 -12.21 -27.61
CA VAL C 6 -3.33 -10.94 -28.33
C VAL C 6 -3.99 -9.89 -27.44
N ILE C 7 -3.70 -8.62 -27.73
CA ILE C 7 -4.23 -7.50 -26.95
C ILE C 7 -5.77 -7.54 -26.83
N ASP C 8 -6.42 -8.12 -27.83
CA ASP C 8 -7.88 -8.15 -27.90
C ASP C 8 -8.56 -9.11 -26.95
N ASP C 9 -7.81 -10.11 -26.50
CA ASP C 9 -8.25 -11.00 -25.42
C ASP C 9 -8.43 -10.25 -24.12
N PHE C 10 -7.49 -9.34 -23.87
CA PHE C 10 -7.55 -8.44 -22.73
C PHE C 10 -8.66 -7.40 -22.88
N GLU C 11 -8.76 -6.80 -24.07
CA GLU C 11 -9.73 -5.73 -24.33
C GLU C 11 -11.20 -6.15 -24.21
N LYS C 12 -11.48 -7.43 -24.44
CA LYS C 12 -12.82 -7.99 -24.28
C LYS C 12 -13.27 -8.01 -22.81
N LEU C 13 -12.30 -7.93 -21.90
CA LEU C 13 -12.55 -7.92 -20.47
C LEU C 13 -12.83 -6.51 -20.01
N ASP C 14 -13.73 -6.38 -19.04
CA ASP C 14 -13.98 -5.13 -18.36
C ASP C 14 -13.56 -5.26 -16.89
N ILE C 15 -12.39 -4.68 -16.57
CA ILE C 15 -11.74 -4.74 -15.26
C ILE C 15 -11.89 -3.38 -14.57
N ARG C 16 -12.52 -3.38 -13.37
CA ARG C 16 -12.77 -2.15 -12.57
C ARG C 16 -12.32 -2.25 -11.11
N THR C 17 -12.09 -1.07 -10.53
CA THR C 17 -11.89 -0.91 -9.08
C THR C 17 -13.25 -0.72 -8.45
N GLY C 18 -13.35 -1.12 -7.17
CA GLY C 18 -14.61 -1.03 -6.43
C GLY C 18 -14.27 -1.31 -4.99
N THR C 19 -15.05 -0.73 -4.06
CA THR C 19 -14.79 -0.75 -2.63
C THR C 19 -15.70 -1.79 -1.95
N ILE C 20 -15.12 -2.72 -1.19
CA ILE C 20 -15.94 -3.71 -0.45
C ILE C 20 -16.75 -2.98 0.65
N VAL C 21 -18.07 -3.16 0.63
CA VAL C 21 -18.94 -2.43 1.55
C VAL C 21 -19.59 -3.33 2.65
N LYS C 22 -19.51 -4.65 2.43
CA LYS C 22 -19.93 -5.69 3.36
C LYS C 22 -19.14 -6.96 3.02
N ALA C 23 -18.68 -7.66 4.04
CA ALA C 23 -18.06 -8.96 3.88
C ALA C 23 -18.64 -9.89 4.92
N GLU C 24 -18.84 -11.15 4.53
CA GLU C 24 -19.37 -12.14 5.43
C GLU C 24 -18.82 -13.51 5.09
N GLU C 25 -18.32 -14.19 6.12
CA GLU C 25 -17.77 -15.53 6.01
C GLU C 25 -18.82 -16.48 5.38
N PHE C 26 -18.40 -17.32 4.44
CA PHE C 26 -19.33 -18.18 3.69
C PHE C 26 -19.47 -19.57 4.33
N PRO C 32 -14.33 -23.10 0.82
CA PRO C 32 -14.57 -22.04 1.80
C PRO C 32 -14.29 -20.67 1.20
N ALA C 33 -15.19 -19.72 1.46
CA ALA C 33 -15.09 -18.43 0.81
C ALA C 33 -15.65 -17.32 1.66
N ILE C 34 -15.62 -16.11 1.11
CA ILE C 34 -16.16 -14.92 1.76
C ILE C 34 -17.08 -14.20 0.76
N LYS C 35 -18.33 -13.98 1.17
CA LYS C 35 -19.31 -13.26 0.35
C LYS C 35 -19.05 -11.76 0.47
N LEU C 36 -18.92 -11.11 -0.69
CA LEU C 36 -18.59 -9.69 -0.74
C LEU C 36 -19.70 -8.87 -1.43
N VAL C 37 -19.88 -7.64 -0.95
CA VAL C 37 -20.72 -6.66 -1.61
C VAL C 37 -19.83 -5.47 -1.94
N ILE C 38 -19.75 -5.12 -3.22
CA ILE C 38 -18.74 -4.21 -3.74
C ILE C 38 -19.40 -3.07 -4.47
N ASP C 39 -19.04 -1.84 -4.08
CA ASP C 39 -19.55 -0.64 -4.73
C ASP C 39 -18.62 -0.33 -5.92
N PHE C 40 -19.15 -0.50 -7.13
CA PHE C 40 -18.38 -0.24 -8.35
C PHE C 40 -18.63 1.13 -8.96
N GLY C 41 -19.19 2.06 -8.17
CA GLY C 41 -19.45 3.43 -8.61
C GLY C 41 -20.85 3.53 -9.20
N THR C 42 -21.30 4.74 -9.52
CA THR C 42 -22.68 4.97 -9.94
C THR C 42 -23.11 4.33 -11.26
N GLU C 43 -22.23 4.35 -12.25
CA GLU C 43 -22.55 3.78 -13.56
C GLU C 43 -22.68 2.24 -13.49
N ILE C 44 -22.02 1.62 -12.53
CA ILE C 44 -21.99 0.14 -12.41
C ILE C 44 -22.79 -0.36 -11.18
N GLY C 45 -22.86 0.46 -10.13
CA GLY C 45 -23.61 0.13 -8.92
C GLY C 45 -22.99 -0.99 -8.12
N ILE C 46 -23.80 -1.59 -7.26
CA ILE C 46 -23.39 -2.69 -6.38
C ILE C 46 -23.40 -4.08 -7.06
N LYS C 47 -22.44 -4.93 -6.73
CA LYS C 47 -22.34 -6.29 -7.27
C LYS C 47 -21.83 -7.21 -6.17
N GLN C 48 -22.16 -8.49 -6.30
CA GLN C 48 -21.81 -9.49 -5.30
C GLN C 48 -20.67 -10.37 -5.83
N SER C 49 -19.87 -10.89 -4.91
CA SER C 49 -18.79 -11.80 -5.28
C SER C 49 -18.53 -12.86 -4.23
N SER C 50 -18.20 -14.06 -4.67
CA SER C 50 -17.72 -15.10 -3.76
C SER C 50 -16.24 -15.34 -4.01
N ALA C 51 -15.42 -14.84 -3.09
CA ALA C 51 -13.97 -14.90 -3.20
C ALA C 51 -13.43 -15.92 -2.21
N GLN C 52 -12.55 -16.81 -2.68
CA GLN C 52 -11.86 -17.80 -1.82
C GLN C 52 -10.63 -17.17 -1.11
N ILE C 53 -10.91 -16.25 -0.20
CA ILE C 53 -9.87 -15.44 0.42
C ILE C 53 -9.73 -15.69 1.93
N THR C 54 -9.98 -16.92 2.36
CA THR C 54 -10.03 -17.20 3.79
C THR C 54 -8.65 -17.46 4.41
N LYS C 55 -7.65 -17.83 3.59
CA LYS C 55 -6.30 -18.09 4.14
C LYS C 55 -5.71 -16.87 4.82
N ARG C 56 -5.84 -15.71 4.19
CA ARG C 56 -5.18 -14.51 4.67
C ARG C 56 -6.08 -13.39 5.19
N TYR C 57 -7.38 -13.49 4.93
CA TYR C 57 -8.31 -12.37 5.16
C TYR C 57 -9.45 -12.70 6.14
N LYS C 58 -9.76 -11.71 7.00
CA LYS C 58 -10.98 -11.64 7.86
C LYS C 58 -11.93 -10.58 7.29
N PRO C 59 -13.28 -10.82 7.33
CA PRO C 59 -14.27 -9.75 7.11
C PRO C 59 -13.94 -8.33 7.64
N GLU C 60 -13.46 -8.19 8.88
CA GLU C 60 -13.19 -6.84 9.46
C GLU C 60 -12.01 -6.13 8.79
N GLY C 61 -11.10 -6.92 8.19
CA GLY C 61 -9.99 -6.38 7.43
C GLY C 61 -10.35 -6.03 5.99
N LEU C 62 -11.52 -6.47 5.55
CA LEU C 62 -11.97 -6.32 4.18
C LEU C 62 -12.82 -5.08 3.88
N ILE C 63 -13.53 -4.56 4.87
CA ILE C 63 -14.41 -3.42 4.69
C ILE C 63 -13.69 -2.12 4.34
N ASN C 64 -14.27 -1.41 3.38
CA ASN C 64 -13.69 -0.22 2.72
C ASN C 64 -12.46 -0.44 1.89
N LYS C 65 -12.18 -1.71 1.60
CA LYS C 65 -11.03 -2.10 0.81
C LYS C 65 -11.34 -2.05 -0.68
N GLN C 66 -10.47 -1.35 -1.42
CA GLN C 66 -10.61 -1.23 -2.87
C GLN C 66 -9.97 -2.46 -3.53
N VAL C 67 -10.80 -3.19 -4.28
CA VAL C 67 -10.40 -4.41 -4.94
C VAL C 67 -10.47 -4.24 -6.47
N ILE C 68 -10.05 -5.29 -7.20
CA ILE C 68 -9.93 -5.30 -8.68
C ILE C 68 -10.71 -6.49 -9.23
N ALA C 69 -11.67 -6.23 -10.13
CA ALA C 69 -12.61 -7.26 -10.54
C ALA C 69 -12.98 -7.22 -12.01
N VAL C 70 -13.11 -8.41 -12.60
CA VAL C 70 -13.69 -8.56 -13.92
C VAL C 70 -15.20 -8.59 -13.76
N VAL C 71 -15.85 -7.53 -14.28
CA VAL C 71 -17.28 -7.31 -14.08
C VAL C 71 -18.15 -7.91 -15.18
N ASN C 72 -17.73 -7.79 -16.43
CA ASN C 72 -18.52 -8.24 -17.59
C ASN C 72 -18.57 -9.76 -17.84
N PHE C 73 -18.46 -10.55 -16.76
CA PHE C 73 -18.57 -12.01 -16.82
C PHE C 73 -20.03 -12.45 -16.56
N PRO C 74 -20.45 -13.59 -17.18
CA PRO C 74 -21.79 -14.11 -16.89
C PRO C 74 -21.88 -14.76 -15.49
N PRO C 75 -22.77 -14.23 -14.62
CA PRO C 75 -22.98 -14.70 -13.25
C PRO C 75 -22.97 -16.21 -13.07
N ARG C 76 -22.58 -16.63 -11.87
CA ARG C 76 -22.51 -18.03 -11.48
C ARG C 76 -22.95 -18.13 -10.02
N ARG C 77 -23.80 -19.10 -9.70
CA ARG C 77 -24.24 -19.29 -8.32
C ARG C 77 -23.34 -20.31 -7.61
N ILE C 78 -22.63 -19.82 -6.58
CA ILE C 78 -21.83 -20.69 -5.71
C ILE C 78 -22.66 -20.99 -4.46
N ALA C 79 -23.10 -22.23 -4.35
CA ALA C 79 -23.97 -22.68 -3.27
C ALA C 79 -25.17 -21.62 -3.03
N GLY C 80 -25.87 -21.51 -4.36
CA GLY C 80 -27.08 -20.67 -4.41
C GLY C 80 -26.90 -19.18 -4.06
N PHE C 81 -25.67 -18.67 -4.24
CA PHE C 81 -25.37 -17.26 -4.01
C PHE C 81 -24.89 -16.66 -5.33
N LYS C 82 -25.46 -15.53 -5.74
CA LYS C 82 -25.10 -14.93 -7.02
C LYS C 82 -23.78 -14.13 -7.00
N SER C 83 -22.71 -14.77 -7.44
CA SER C 83 -21.41 -14.12 -7.64
C SER C 83 -21.39 -13.52 -9.04
N GLU C 84 -21.28 -12.20 -9.12
CA GLU C 84 -21.51 -11.46 -10.36
C GLU C 84 -20.25 -10.94 -11.04
N VAL C 85 -19.09 -11.16 -10.42
CA VAL C 85 -17.89 -10.36 -10.64
C VAL C 85 -16.73 -11.21 -10.13
N LEU C 86 -15.63 -11.28 -10.88
CA LEU C 86 -14.45 -12.06 -10.49
C LEU C 86 -13.40 -11.17 -9.87
N VAL C 87 -13.12 -11.39 -8.59
CA VAL C 87 -12.16 -10.57 -7.85
C VAL C 87 -10.78 -11.17 -8.01
N LEU C 88 -9.82 -10.34 -8.42
CA LEU C 88 -8.47 -10.80 -8.82
C LEU C 88 -7.44 -10.73 -7.72
N GLY C 89 -6.61 -11.77 -7.65
CA GLY C 89 -5.45 -11.77 -6.76
C GLY C 89 -4.33 -12.65 -7.27
N GLY C 90 -3.14 -12.49 -6.71
CA GLY C 90 -2.08 -13.45 -6.97
C GLY C 90 -2.36 -14.75 -6.22
N ILE C 91 -1.94 -15.85 -6.81
CA ILE C 91 -2.14 -17.20 -6.28
C ILE C 91 -0.76 -17.76 -5.99
N PRO C 92 -0.26 -17.54 -4.75
CA PRO C 92 1.06 -18.00 -4.34
C PRO C 92 1.17 -19.52 -4.03
N GLY C 93 0.04 -20.23 -4.01
CA GLY C 93 0.02 -21.66 -3.68
C GLY C 93 -1.42 -22.13 -3.62
N GLN C 94 -1.64 -23.44 -3.50
CA GLN C 94 -3.01 -23.99 -3.42
C GLN C 94 -3.77 -23.40 -2.22
N GLY C 95 -4.97 -22.89 -2.48
CA GLY C 95 -5.86 -22.34 -1.43
C GLY C 95 -5.49 -20.93 -0.98
N ASP C 96 -4.46 -20.36 -1.62
CA ASP C 96 -3.90 -19.12 -1.18
C ASP C 96 -4.18 -17.99 -2.20
N VAL C 97 -4.54 -16.82 -1.69
CA VAL C 97 -4.80 -15.66 -2.50
C VAL C 97 -4.24 -14.43 -1.78
N VAL C 98 -3.48 -13.64 -2.53
CA VAL C 98 -3.21 -12.25 -2.18
C VAL C 98 -3.94 -11.30 -3.13
N LEU C 99 -4.85 -10.50 -2.59
CA LEU C 99 -5.70 -9.64 -3.42
C LEU C 99 -4.91 -8.52 -4.11
N LEU C 100 -5.28 -8.23 -5.35
CA LEU C 100 -4.79 -7.02 -6.03
C LEU C 100 -5.46 -5.75 -5.52
N GLN C 101 -4.72 -4.65 -5.55
CA GLN C 101 -5.26 -3.34 -5.17
C GLN C 101 -4.57 -2.25 -6.02
N PRO C 102 -5.23 -1.09 -6.21
CA PRO C 102 -4.47 0.03 -6.80
C PRO C 102 -3.41 0.50 -5.77
N ASP C 103 -2.26 1.04 -6.18
CA ASP C 103 -1.27 1.50 -5.17
C ASP C 103 -1.58 2.80 -4.37
N GLN C 104 -2.68 3.47 -4.71
CA GLN C 104 -3.19 4.60 -3.98
C GLN C 104 -4.67 4.64 -4.32
N PRO C 105 -5.49 5.33 -3.48
CA PRO C 105 -6.95 5.43 -3.70
C PRO C 105 -7.36 6.06 -5.04
N VAL C 106 -8.18 5.31 -5.79
CA VAL C 106 -8.91 5.81 -6.95
C VAL C 106 -10.44 5.64 -6.82
N PRO C 107 -11.23 6.53 -7.47
CA PRO C 107 -12.69 6.41 -7.48
C PRO C 107 -13.19 5.01 -7.91
N ASN C 108 -14.33 4.57 -7.37
CA ASN C 108 -14.90 3.27 -7.75
C ASN C 108 -15.33 3.23 -9.20
N GLY C 109 -15.11 2.10 -9.85
CA GLY C 109 -15.45 1.97 -11.26
C GLY C 109 -14.31 2.33 -12.20
N THR C 110 -13.19 2.80 -11.64
CA THR C 110 -11.99 3.13 -12.41
C THR C 110 -11.57 1.89 -13.19
N LYS C 111 -11.39 2.05 -14.48
CA LYS C 111 -11.08 0.94 -15.36
C LYS C 111 -9.56 0.63 -15.39
N ILE C 112 -9.25 -0.65 -15.64
CA ILE C 112 -7.88 -1.16 -15.68
C ILE C 112 -7.44 -1.38 -17.13
N GLY C 113 -6.24 -0.87 -17.44
CA GLY C 113 -5.62 -1.01 -18.75
C GLY C 113 -4.11 -1.09 -18.66
N HIS D 3 -19.88 -6.13 -25.34
CA HIS D 3 -20.03 -5.75 -23.90
C HIS D 3 -19.60 -6.87 -22.94
N MET D 4 -20.08 -8.09 -23.19
CA MET D 4 -19.91 -9.26 -22.30
C MET D 4 -18.72 -10.15 -22.69
N ALA D 5 -17.99 -10.68 -21.71
CA ALA D 5 -16.84 -11.58 -21.98
C ALA D 5 -17.05 -12.97 -21.39
N VAL D 6 -16.05 -13.84 -21.59
CA VAL D 6 -16.13 -15.23 -21.09
C VAL D 6 -14.83 -15.62 -20.39
N ILE D 7 -14.90 -16.58 -19.45
CA ILE D 7 -13.70 -16.96 -18.66
C ILE D 7 -12.51 -17.49 -19.49
N ASP D 8 -12.81 -17.98 -20.69
CA ASP D 8 -11.79 -18.48 -21.62
C ASP D 8 -10.97 -17.32 -22.19
N ASP D 9 -11.59 -16.14 -22.34
CA ASP D 9 -10.89 -14.89 -22.68
C ASP D 9 -9.80 -14.57 -21.64
N PHE D 10 -10.18 -14.56 -20.36
CA PHE D 10 -9.28 -14.34 -19.26
C PHE D 10 -8.20 -15.41 -19.16
N GLU D 11 -8.60 -16.69 -19.23
CA GLU D 11 -7.68 -17.83 -19.08
C GLU D 11 -6.48 -17.84 -20.07
N LYS D 12 -6.64 -17.17 -21.22
CA LYS D 12 -5.61 -17.08 -22.27
C LYS D 12 -4.47 -16.14 -21.89
N LEU D 13 -4.78 -15.12 -21.08
CA LEU D 13 -3.77 -14.19 -20.55
C LEU D 13 -2.92 -14.86 -19.48
N ASP D 14 -1.60 -14.66 -19.56
CA ASP D 14 -0.68 -15.00 -18.46
C ASP D 14 -0.27 -13.70 -17.74
N ILE D 15 -0.92 -13.46 -16.60
CA ILE D 15 -0.76 -12.27 -15.78
C ILE D 15 0.06 -12.69 -14.58
N ARG D 16 1.18 -12.00 -14.36
CA ARG D 16 2.18 -12.36 -13.36
C ARG D 16 2.58 -11.17 -12.54
N THR D 17 3.04 -11.42 -11.32
CA THR D 17 3.68 -10.36 -10.55
C THR D 17 5.16 -10.31 -10.89
N GLY D 18 5.75 -9.14 -10.77
CA GLY D 18 7.22 -8.98 -10.88
C GLY D 18 7.66 -7.67 -10.23
N THR D 19 8.96 -7.52 -10.00
CA THR D 19 9.49 -6.40 -9.22
C THR D 19 10.29 -5.54 -10.17
N ILE D 20 9.98 -4.25 -10.20
CA ILE D 20 10.74 -3.29 -11.00
C ILE D 20 12.13 -3.24 -10.40
N VAL D 21 13.13 -3.57 -11.22
CA VAL D 21 14.55 -3.52 -10.83
C VAL D 21 15.30 -2.29 -11.41
N LYS D 22 14.80 -1.71 -12.51
CA LYS D 22 15.40 -0.54 -13.14
C LYS D 22 14.28 0.26 -13.78
N ALA D 23 14.42 1.57 -13.76
CA ALA D 23 13.43 2.49 -14.35
C ALA D 23 14.15 3.73 -14.89
N GLU D 24 13.68 4.22 -16.02
CA GLU D 24 14.35 5.29 -16.75
C GLU D 24 13.32 6.19 -17.38
N GLU D 25 13.48 7.50 -17.18
CA GLU D 25 12.73 8.47 -17.95
C GLU D 25 12.90 8.15 -19.43
N PHE D 26 11.82 8.27 -20.19
CA PHE D 26 11.80 7.95 -21.63
C PHE D 26 11.27 9.17 -22.42
N PRO D 27 12.15 10.18 -22.60
CA PRO D 27 11.75 11.44 -23.21
C PRO D 27 11.78 11.40 -24.76
N GLU D 28 12.37 10.36 -25.32
CA GLU D 28 12.40 10.16 -26.78
C GLU D 28 11.04 9.66 -27.29
N ALA D 29 10.23 9.13 -26.37
CA ALA D 29 8.85 8.70 -26.68
C ALA D 29 7.94 9.89 -26.94
N ARG D 30 7.10 9.77 -27.97
CA ARG D 30 6.18 10.87 -28.35
C ARG D 30 5.17 11.14 -27.23
N VAL D 31 4.70 10.06 -26.61
CA VAL D 31 3.89 10.14 -25.40
C VAL D 31 4.80 9.83 -24.21
N PRO D 32 4.91 10.77 -23.24
CA PRO D 32 5.82 10.63 -22.09
C PRO D 32 5.74 9.24 -21.45
N ALA D 33 6.88 8.57 -21.26
CA ALA D 33 6.88 7.23 -20.67
C ALA D 33 8.08 7.00 -19.78
N ILE D 34 8.03 5.87 -19.10
CA ILE D 34 9.15 5.39 -18.30
C ILE D 34 9.48 3.97 -18.77
N LYS D 35 10.77 3.74 -19.02
CA LYS D 35 11.29 2.42 -19.35
C LYS D 35 11.42 1.60 -18.08
N LEU D 36 10.82 0.42 -18.06
CA LEU D 36 10.90 -0.47 -16.87
C LEU D 36 11.65 -1.74 -17.16
N VAL D 37 12.48 -2.18 -16.23
CA VAL D 37 13.06 -3.54 -16.29
C VAL D 37 12.46 -4.24 -15.07
N ILE D 38 11.84 -5.38 -15.32
CA ILE D 38 11.04 -6.10 -14.34
C ILE D 38 11.47 -7.55 -14.21
N ASP D 39 11.76 -7.97 -12.97
CA ASP D 39 12.15 -9.32 -12.65
C ASP D 39 10.85 -10.14 -12.38
N PHE D 40 10.57 -11.09 -13.26
CA PHE D 40 9.46 -11.99 -13.09
C PHE D 40 9.87 -13.36 -12.54
N GLY D 41 11.11 -13.46 -12.03
CA GLY D 41 11.55 -14.70 -11.36
C GLY D 41 12.28 -15.61 -12.32
N THR D 42 12.64 -16.82 -11.85
CA THR D 42 13.50 -17.69 -12.65
C THR D 42 12.88 -18.25 -13.97
N GLU D 43 11.59 -18.61 -13.96
CA GLU D 43 10.99 -19.20 -15.17
C GLU D 43 10.80 -18.15 -16.27
N ILE D 44 10.21 -17.01 -15.95
CA ILE D 44 10.01 -15.96 -16.95
C ILE D 44 11.28 -15.11 -17.14
N GLY D 45 11.94 -14.74 -16.06
CA GLY D 45 13.16 -13.97 -16.17
C GLY D 45 12.86 -12.49 -16.18
N ILE D 46 13.86 -11.71 -16.61
CA ILE D 46 13.81 -10.24 -16.64
C ILE D 46 13.16 -9.84 -17.96
N LYS D 47 12.14 -8.96 -17.89
CA LYS D 47 11.45 -8.44 -19.08
C LYS D 47 11.45 -6.91 -19.07
N GLN D 48 11.34 -6.28 -20.26
CA GLN D 48 11.20 -4.82 -20.33
C GLN D 48 9.79 -4.37 -20.65
N SER D 49 9.50 -3.12 -20.30
CA SER D 49 8.22 -2.49 -20.59
C SER D 49 8.41 -0.99 -20.76
N SER D 50 7.70 -0.41 -21.72
CA SER D 50 7.55 1.04 -21.77
C SER D 50 6.16 1.40 -21.21
N ALA D 51 6.13 2.23 -20.17
CA ALA D 51 4.87 2.52 -19.42
C ALA D 51 4.57 4.03 -19.33
N GLN D 52 3.35 4.39 -19.71
CA GLN D 52 2.92 5.80 -19.68
C GLN D 52 2.40 6.19 -18.27
N ILE D 53 3.34 6.28 -17.35
CA ILE D 53 3.09 6.44 -15.91
C ILE D 53 3.86 7.64 -15.31
N THR D 54 4.18 8.63 -16.14
CA THR D 54 4.91 9.81 -15.69
C THR D 54 4.05 10.78 -14.89
N LYS D 55 2.72 10.60 -14.92
CA LYS D 55 1.87 11.54 -14.19
C LYS D 55 2.11 11.49 -12.67
N ARG D 56 2.19 10.27 -12.13
CA ARG D 56 2.25 10.08 -10.67
C ARG D 56 3.55 9.49 -10.16
N TYR D 57 4.41 9.08 -11.09
CA TYR D 57 5.60 8.26 -10.79
C TYR D 57 6.91 8.86 -11.28
N LYS D 58 7.99 8.64 -10.51
CA LYS D 58 9.35 9.00 -10.91
C LYS D 58 10.20 7.74 -10.93
N PRO D 59 11.16 7.64 -11.88
CA PRO D 59 11.91 6.39 -11.95
C PRO D 59 12.48 5.97 -10.56
N GLU D 60 13.11 6.89 -9.83
CA GLU D 60 13.73 6.53 -8.54
C GLU D 60 12.76 6.15 -7.39
N GLY D 61 11.46 6.36 -7.60
CA GLY D 61 10.42 5.85 -6.69
C GLY D 61 9.72 4.58 -7.18
N LEU D 62 10.18 4.02 -8.30
CA LEU D 62 9.58 2.80 -8.83
C LEU D 62 10.34 1.52 -8.46
N ILE D 63 11.60 1.66 -8.10
CA ILE D 63 12.47 0.51 -7.87
C ILE D 63 12.03 -0.31 -6.66
N ASN D 64 11.98 -1.64 -6.83
CA ASN D 64 11.49 -2.56 -5.76
C ASN D 64 9.98 -2.69 -5.60
N LYS D 65 9.23 -1.98 -6.43
CA LYS D 65 7.79 -2.12 -6.46
C LYS D 65 7.42 -3.41 -7.14
N GLN D 66 6.45 -4.14 -6.59
CA GLN D 66 5.83 -5.29 -7.23
C GLN D 66 4.67 -4.82 -8.10
N VAL D 67 4.72 -5.22 -9.37
CA VAL D 67 3.74 -4.78 -10.34
C VAL D 67 3.06 -5.99 -10.95
N ILE D 68 2.02 -5.72 -11.73
CA ILE D 68 1.16 -6.74 -12.32
C ILE D 68 1.22 -6.59 -13.85
N ALA D 69 1.50 -7.67 -14.56
CA ALA D 69 1.64 -7.57 -16.02
C ALA D 69 1.19 -8.80 -16.80
N VAL D 70 0.72 -8.55 -18.02
CA VAL D 70 0.46 -9.60 -18.97
C VAL D 70 1.80 -9.89 -19.69
N VAL D 71 2.27 -11.13 -19.57
CA VAL D 71 3.62 -11.49 -20.03
C VAL D 71 3.63 -12.27 -21.36
N ASN D 72 2.44 -12.63 -21.86
CA ASN D 72 2.32 -13.40 -23.10
C ASN D 72 1.71 -12.69 -24.34
N PHE D 73 1.90 -11.37 -24.45
CA PHE D 73 1.61 -10.64 -25.69
C PHE D 73 2.87 -10.64 -26.57
N PRO D 74 2.74 -10.52 -27.90
CA PRO D 74 3.97 -10.22 -28.68
C PRO D 74 4.69 -8.92 -28.21
N PRO D 75 6.03 -8.88 -28.33
CA PRO D 75 6.78 -7.66 -28.04
C PRO D 75 6.53 -6.60 -29.13
N ARG D 76 6.61 -5.32 -28.75
CA ARG D 76 6.50 -4.18 -29.67
C ARG D 76 7.74 -3.35 -29.42
N ARG D 77 8.19 -2.61 -30.43
CA ARG D 77 9.23 -1.59 -30.23
C ARG D 77 8.57 -0.22 -30.00
N ILE D 78 8.73 0.35 -28.81
CA ILE D 78 8.16 1.68 -28.53
C ILE D 78 9.30 2.70 -28.54
N ALA D 79 9.38 3.49 -29.61
CA ALA D 79 10.48 4.46 -29.83
C ALA D 79 11.91 3.85 -29.78
N GLY D 80 12.05 2.63 -30.32
CA GLY D 80 13.33 1.94 -30.35
C GLY D 80 13.62 1.10 -29.11
N PHE D 81 12.67 1.06 -28.18
CA PHE D 81 12.82 0.28 -26.95
C PHE D 81 11.91 -0.95 -27.04
N LYS D 82 12.47 -2.14 -26.83
CA LYS D 82 11.66 -3.35 -26.86
C LYS D 82 10.77 -3.46 -25.61
N SER D 83 9.45 -3.37 -25.80
CA SER D 83 8.48 -3.51 -24.73
C SER D 83 7.84 -4.89 -24.80
N GLU D 84 7.97 -5.66 -23.73
CA GLU D 84 7.70 -7.09 -23.80
C GLU D 84 6.55 -7.56 -22.94
N VAL D 85 6.07 -6.66 -22.09
CA VAL D 85 5.15 -7.01 -21.04
C VAL D 85 4.16 -5.84 -20.91
N LEU D 86 2.88 -6.13 -20.62
CA LEU D 86 1.93 -5.02 -20.41
C LEU D 86 1.64 -4.83 -18.92
N VAL D 87 2.15 -3.73 -18.35
CA VAL D 87 2.01 -3.42 -16.91
C VAL D 87 0.63 -2.79 -16.64
N LEU D 88 -0.13 -3.38 -15.70
CA LEU D 88 -1.54 -3.00 -15.45
C LEU D 88 -1.76 -1.89 -14.42
N GLY D 89 -2.72 -1.01 -14.73
CA GLY D 89 -2.95 0.14 -13.86
C GLY D 89 -4.40 0.57 -13.94
N GLY D 90 -4.89 1.18 -12.87
CA GLY D 90 -6.17 1.88 -12.94
C GLY D 90 -5.96 3.12 -13.80
N ILE D 91 -6.99 3.54 -14.54
CA ILE D 91 -6.90 4.73 -15.37
C ILE D 91 -7.96 5.78 -14.92
N PRO D 92 -7.60 6.63 -13.93
CA PRO D 92 -8.53 7.64 -13.41
C PRO D 92 -8.74 8.88 -14.32
N GLY D 93 -8.51 8.73 -15.62
CA GLY D 93 -8.69 9.82 -16.56
C GLY D 93 -7.52 9.90 -17.52
N GLN D 94 -7.65 10.80 -18.48
CA GLN D 94 -6.71 10.97 -19.58
C GLN D 94 -5.23 11.08 -19.17
N GLY D 95 -4.40 10.20 -19.71
CA GLY D 95 -2.95 10.19 -19.41
C GLY D 95 -2.58 9.83 -17.97
N ASP D 96 -3.56 9.39 -17.18
CA ASP D 96 -3.33 9.02 -15.78
C ASP D 96 -3.36 7.49 -15.55
N VAL D 97 -2.42 7.02 -14.72
CA VAL D 97 -2.32 5.62 -14.33
C VAL D 97 -1.99 5.53 -12.82
N VAL D 98 -2.72 4.66 -12.14
CA VAL D 98 -2.42 4.21 -10.80
C VAL D 98 -2.14 2.71 -10.90
N LEU D 99 -0.90 2.32 -10.64
CA LEU D 99 -0.45 0.95 -10.89
C LEU D 99 -1.18 -0.02 -9.96
N LEU D 100 -1.44 -1.24 -10.45
CA LEU D 100 -1.89 -2.36 -9.61
C LEU D 100 -0.71 -2.96 -8.84
N GLN D 101 -0.99 -3.49 -7.64
CA GLN D 101 0.04 -4.17 -6.85
C GLN D 101 -0.61 -5.29 -6.03
N PRO D 102 0.16 -6.36 -5.71
CA PRO D 102 -0.42 -7.26 -4.70
C PRO D 102 -0.48 -6.49 -3.37
N ASP D 103 -1.45 -6.77 -2.53
CA ASP D 103 -1.57 -6.02 -1.30
C ASP D 103 -0.60 -6.50 -0.19
N GLN D 104 0.18 -7.53 -0.52
CA GLN D 104 1.24 -8.04 0.35
C GLN D 104 2.25 -8.73 -0.56
N PRO D 105 3.53 -8.80 -0.12
CA PRO D 105 4.55 -9.29 -1.02
C PRO D 105 4.37 -10.76 -1.37
N VAL D 106 4.58 -11.05 -2.65
CA VAL D 106 4.50 -12.40 -3.17
C VAL D 106 5.76 -12.63 -4.01
N PRO D 107 6.24 -13.88 -4.11
CA PRO D 107 7.39 -14.14 -4.97
C PRO D 107 7.15 -13.67 -6.42
N ASN D 108 8.23 -13.24 -7.08
CA ASN D 108 8.13 -12.81 -8.48
C ASN D 108 7.68 -13.96 -9.33
N GLY D 109 6.88 -13.66 -10.33
CA GLY D 109 6.37 -14.72 -11.20
C GLY D 109 5.14 -15.39 -10.66
N THR D 110 4.50 -14.85 -9.62
CA THR D 110 3.21 -15.33 -9.11
C THR D 110 2.08 -15.02 -10.10
N LYS D 111 1.28 -16.04 -10.44
CA LYS D 111 0.17 -15.90 -11.37
C LYS D 111 -1.08 -15.23 -10.74
N ILE D 112 -1.73 -14.35 -11.50
CA ILE D 112 -3.00 -13.73 -11.11
C ILE D 112 -4.19 -14.57 -11.60
N GLY D 113 -5.15 -14.81 -10.71
CA GLY D 113 -6.38 -15.52 -11.07
C GLY D 113 -7.57 -14.99 -10.31
C1 GOL E . 18.07 8.82 20.04
O1 GOL E . 18.73 8.08 21.04
C2 GOL E . 17.40 7.89 19.03
O2 GOL E . 18.05 6.65 19.08
C3 GOL E . 17.56 8.42 17.60
O3 GOL E . 16.53 9.31 17.23
C1 GOL F . 4.95 -1.38 1.27
O1 GOL F . 5.97 -2.00 2.05
C2 GOL F . 4.46 -2.26 0.11
O2 GOL F . 4.76 -1.69 -1.16
C3 GOL F . 2.97 -2.62 0.18
O3 GOL F . 2.21 -1.52 -0.25
C1 GOL G . 10.81 -15.89 28.83
O1 GOL G . 9.40 -15.80 28.76
C2 GOL G . 11.49 -15.05 27.74
O2 GOL G . 12.64 -14.36 28.22
C3 GOL G . 10.53 -14.07 27.06
O3 GOL G . 10.51 -14.30 25.66
C1 GOL H . -3.14 1.93 -0.11
O1 GOL H . -3.77 2.15 -1.36
C2 GOL H . -4.20 2.09 0.98
O2 GOL H . -4.84 0.85 1.16
C3 GOL H . -3.60 2.60 2.29
O3 GOL H . -4.29 3.73 2.80
C1 GOL I . 6.40 20.57 12.49
O1 GOL I . 6.03 21.90 12.73
C2 GOL I . 7.60 20.47 11.56
O2 GOL I . 8.78 20.72 12.33
C3 GOL I . 7.44 21.52 10.45
O3 GOL I . 7.79 21.00 9.18
C1 GOL J . 3.87 4.03 -4.00
O1 GOL J . 4.90 3.73 -4.94
C2 GOL J . 3.42 5.50 -4.04
O2 GOL J . 3.85 6.21 -5.19
C3 GOL J . 1.91 5.55 -3.98
O3 GOL J . 1.57 6.92 -3.99
#